data_6U9N
#
_entry.id   6U9N
#
_cell.length_a   54.629
_cell.length_b   54.629
_cell.length_c   105.832
_cell.angle_alpha   90.000
_cell.angle_beta   90.000
_cell.angle_gamma   120.000
#
_symmetry.space_group_name_H-M   'P 32'
#
loop_
_entity.id
_entity.type
_entity.pdbx_description
1 polymer 'Histone-lysine N-methyltransferase'
2 non-polymer "5'-{[(3S)-3-amino-3-carboxypropyl]({1-[(4-chlorophenyl)methyl]azetidin-3-yl}methyl)amino}-5'-deoxyadenosine"
3 non-polymer 'ZINC ION'
4 water water
#
_entity_poly.entity_id   1
_entity_poly.type   'polypeptide(L)'
_entity_poly.pdbx_seq_one_letter_code
;SDLPMPMRFRHLKKTSKEAVGVYRSPIHGRGLFCKRNIDAGEMVIEYAGIVIRSILTDKREKYYDSKGIGCYMFRIDDSE
VVDATMHGNAARFINHSCEPNCYSRVINIDGQKHIVIFAMRKIYRGEELTYDYKFPIEDASNKLPCNCGAKKCRKFLN
;
_entity_poly.pdbx_strand_id   A,B
#
loop_
_chem_comp.id
_chem_comp.type
_chem_comp.name
_chem_comp.formula
Q34 non-polymer 5'-{[(3S)-3-amino-3-carboxypropyl]({1-[(4-chlorophenyl)methyl]azetidin-3-yl}methyl)amino}-5'-deoxyadenosine 'C25 H33 Cl N8 O5'
ZN non-polymer 'ZINC ION' 'Zn 2'
#
# COMPACT_ATOMS: atom_id res chain seq x y z
N LEU A 3 6.44 -11.65 -21.26
CA LEU A 3 7.37 -12.77 -21.13
C LEU A 3 6.60 -14.07 -20.90
N PRO A 4 7.03 -15.22 -21.51
CA PRO A 4 6.29 -16.48 -21.29
C PRO A 4 6.16 -16.87 -19.82
N MET A 5 5.04 -17.52 -19.46
CA MET A 5 4.73 -17.99 -18.12
C MET A 5 5.90 -18.77 -17.42
N PRO A 6 6.56 -19.80 -18.06
CA PRO A 6 7.68 -20.49 -17.37
C PRO A 6 8.88 -19.57 -17.18
N MET A 7 9.12 -18.68 -18.15
CA MET A 7 10.19 -17.68 -18.11
C MET A 7 9.93 -16.66 -16.99
N ARG A 8 8.65 -16.36 -16.66
CA ARG A 8 8.31 -15.43 -15.57
C ARG A 8 8.49 -16.03 -14.16
N PHE A 9 8.39 -17.38 -14.00
CA PHE A 9 8.59 -18.06 -12.71
C PHE A 9 10.05 -17.96 -12.19
N ARG A 10 10.86 -17.10 -12.82
CA ARG A 10 12.27 -16.85 -12.53
C ARG A 10 12.52 -16.21 -11.18
N HIS A 11 13.50 -16.77 -10.43
CA HIS A 11 14.06 -16.39 -9.14
C HIS A 11 13.07 -15.70 -8.18
N LEU A 12 11.84 -16.26 -8.05
CA LEU A 12 10.81 -15.73 -7.17
C LEU A 12 11.22 -15.64 -5.71
N LYS A 13 12.01 -16.63 -5.22
CA LYS A 13 12.50 -16.68 -3.83
C LYS A 13 13.27 -15.42 -3.43
N LYS A 14 14.24 -15.00 -4.26
CA LYS A 14 15.07 -13.81 -4.03
C LYS A 14 14.30 -12.50 -4.20
N THR A 15 13.51 -12.38 -5.28
CA THR A 15 12.76 -11.16 -5.62
C THR A 15 11.55 -10.93 -4.69
N SER A 16 10.80 -11.98 -4.29
CA SER A 16 9.66 -11.79 -3.38
C SER A 16 10.11 -11.36 -1.97
N LYS A 17 11.34 -11.76 -1.55
CA LYS A 17 11.92 -11.42 -0.25
C LYS A 17 12.13 -9.90 -0.15
N GLU A 18 12.43 -9.26 -1.28
CA GLU A 18 12.62 -7.81 -1.36
C GLU A 18 11.31 -7.06 -1.65
N ALA A 19 10.29 -7.72 -2.24
CA ALA A 19 9.04 -7.09 -2.69
C ALA A 19 7.87 -7.07 -1.68
N VAL A 20 7.79 -8.07 -0.81
CA VAL A 20 6.67 -8.20 0.12
C VAL A 20 7.11 -8.50 1.52
N GLY A 21 6.25 -8.18 2.48
CA GLY A 21 6.47 -8.49 3.88
C GLY A 21 5.17 -8.80 4.60
N VAL A 22 5.27 -9.47 5.73
CA VAL A 22 4.15 -9.84 6.59
C VAL A 22 4.06 -8.91 7.79
N TYR A 23 2.88 -8.26 7.97
CA TYR A 23 2.63 -7.32 9.07
C TYR A 23 1.19 -7.51 9.54
N ARG A 24 0.79 -6.87 10.64
CA ARG A 24 -0.58 -6.89 11.14
C ARG A 24 -1.49 -6.29 10.08
N SER A 25 -2.64 -6.92 9.86
CA SER A 25 -3.61 -6.47 8.88
C SER A 25 -4.88 -5.96 9.54
N PRO A 26 -5.43 -4.81 9.08
CA PRO A 26 -6.72 -4.34 9.62
C PRO A 26 -7.88 -5.21 9.11
N ILE A 27 -7.64 -6.01 8.04
CA ILE A 27 -8.64 -6.93 7.49
C ILE A 27 -8.79 -8.11 8.46
N HIS A 28 -7.68 -8.84 8.76
CA HIS A 28 -7.65 -9.95 9.71
C HIS A 28 -6.21 -10.34 10.02
N GLY A 29 -5.94 -10.61 11.30
CA GLY A 29 -4.66 -11.14 11.81
C GLY A 29 -3.44 -10.50 11.19
N ARG A 30 -2.64 -11.30 10.46
CA ARG A 30 -1.48 -10.78 9.71
C ARG A 30 -1.83 -10.88 8.24
N GLY A 31 -1.22 -10.00 7.46
CA GLY A 31 -1.42 -9.98 6.01
C GLY A 31 -0.11 -9.77 5.30
N LEU A 32 -0.16 -9.88 3.95
CA LEU A 32 1.00 -9.66 3.08
C LEU A 32 0.90 -8.24 2.52
N PHE A 33 1.99 -7.48 2.57
CA PHE A 33 2.00 -6.07 2.16
C PHE A 33 3.18 -5.80 1.23
N CYS A 34 3.08 -4.85 0.28
CA CYS A 34 4.29 -4.70 -0.52
C CYS A 34 5.25 -3.65 0.04
N LYS A 35 6.54 -3.95 -0.14
CA LYS A 35 7.67 -3.14 0.35
C LYS A 35 8.09 -2.11 -0.70
N ARG A 36 7.78 -2.37 -1.98
CA ARG A 36 8.08 -1.49 -3.12
C ARG A 36 6.97 -1.65 -4.15
N ASN A 37 6.80 -0.66 -5.04
CA ASN A 37 5.79 -0.70 -6.09
C ASN A 37 5.93 -1.95 -6.94
N ILE A 38 4.78 -2.60 -7.19
CA ILE A 38 4.68 -3.81 -8.00
C ILE A 38 3.91 -3.44 -9.27
N ASP A 39 4.51 -3.67 -10.45
CA ASP A 39 3.87 -3.34 -11.72
C ASP A 39 2.67 -4.23 -12.02
N ALA A 40 1.68 -3.71 -12.77
CA ALA A 40 0.51 -4.50 -13.15
C ALA A 40 1.00 -5.72 -13.94
N GLY A 41 0.42 -6.90 -13.68
CA GLY A 41 0.80 -8.12 -14.37
C GLY A 41 1.98 -8.88 -13.79
N GLU A 42 2.73 -8.23 -12.86
CA GLU A 42 3.93 -8.77 -12.22
C GLU A 42 3.59 -10.00 -11.40
N MET A 43 4.44 -11.03 -11.51
CA MET A 43 4.37 -12.28 -10.76
C MET A 43 4.98 -11.92 -9.42
N VAL A 44 4.17 -11.93 -8.35
CA VAL A 44 4.58 -11.48 -7.03
C VAL A 44 5.26 -12.55 -6.19
N ILE A 45 4.58 -13.69 -6.01
CA ILE A 45 5.02 -14.73 -5.08
C ILE A 45 4.26 -16.01 -5.35
N GLU A 46 4.91 -17.13 -5.04
CA GLU A 46 4.27 -18.40 -5.14
C GLU A 46 3.57 -18.67 -3.84
N TYR A 47 2.37 -19.30 -3.90
CA TYR A 47 1.72 -19.78 -2.68
C TYR A 47 2.39 -21.16 -2.46
N ALA A 48 3.51 -21.15 -1.73
CA ALA A 48 4.32 -22.35 -1.54
C ALA A 48 3.66 -23.35 -0.60
N GLY A 49 3.83 -24.64 -0.91
CA GLY A 49 3.28 -25.70 -0.08
C GLY A 49 3.26 -27.05 -0.77
N ILE A 50 2.57 -28.04 -0.17
CA ILE A 50 2.48 -29.39 -0.71
C ILE A 50 1.13 -29.60 -1.35
N VAL A 51 1.12 -30.07 -2.61
CA VAL A 51 -0.11 -30.38 -3.34
C VAL A 51 -0.58 -31.72 -2.78
N ILE A 52 -1.74 -31.73 -2.10
CA ILE A 52 -2.32 -32.94 -1.47
C ILE A 52 -3.72 -33.20 -2.02
N ARG A 53 -4.23 -34.43 -1.83
CA ARG A 53 -5.58 -34.81 -2.25
C ARG A 53 -6.61 -34.10 -1.36
N SER A 54 -7.65 -33.49 -1.97
CA SER A 54 -8.72 -32.75 -1.29
C SER A 54 -9.40 -33.53 -0.17
N ILE A 55 -9.58 -34.85 -0.38
CA ILE A 55 -10.18 -35.78 0.60
C ILE A 55 -9.35 -35.90 1.89
N LEU A 56 -8.05 -35.54 1.83
CA LEU A 56 -7.15 -35.59 2.98
C LEU A 56 -7.20 -34.33 3.83
N THR A 57 -7.78 -33.21 3.33
CA THR A 57 -7.75 -31.91 4.04
C THR A 57 -8.47 -31.92 5.34
N ASP A 58 -9.66 -32.56 5.40
CA ASP A 58 -10.46 -32.65 6.63
C ASP A 58 -9.61 -33.21 7.79
N LYS A 59 -8.97 -34.38 7.58
CA LYS A 59 -8.12 -35.03 8.59
C LYS A 59 -6.84 -34.26 8.87
N ARG A 60 -6.27 -33.58 7.85
CA ARG A 60 -5.06 -32.78 8.05
C ARG A 60 -5.39 -31.56 8.93
N GLU A 61 -6.48 -30.84 8.60
CA GLU A 61 -6.92 -29.66 9.39
C GLU A 61 -7.26 -30.08 10.82
N LYS A 62 -7.89 -31.26 11.00
CA LYS A 62 -8.24 -31.81 12.31
C LYS A 62 -6.96 -32.04 13.13
N TYR A 63 -5.92 -32.58 12.46
CA TYR A 63 -4.65 -32.86 13.11
C TYR A 63 -4.02 -31.54 13.59
N TYR A 64 -3.84 -30.55 12.68
CA TYR A 64 -3.25 -29.22 12.99
C TYR A 64 -3.99 -28.55 14.12
N ASP A 65 -5.33 -28.51 14.04
CA ASP A 65 -6.19 -27.90 15.07
C ASP A 65 -5.95 -28.52 16.42
N SER A 66 -5.79 -29.85 16.48
CA SER A 66 -5.57 -30.57 17.75
C SER A 66 -4.16 -30.30 18.34
N LYS A 67 -3.25 -29.70 17.53
CA LYS A 67 -1.89 -29.35 18.01
C LYS A 67 -1.74 -27.81 18.26
N GLY A 68 -2.81 -27.04 18.03
CA GLY A 68 -2.79 -25.59 18.13
C GLY A 68 -1.88 -24.93 17.10
N ILE A 69 -1.74 -25.57 15.92
CA ILE A 69 -0.94 -25.10 14.76
C ILE A 69 -1.94 -24.52 13.76
N GLY A 70 -1.77 -23.23 13.40
CA GLY A 70 -2.63 -22.59 12.41
C GLY A 70 -2.57 -23.37 11.10
N CYS A 71 -3.72 -23.68 10.52
CA CYS A 71 -3.84 -24.46 9.28
C CYS A 71 -3.95 -23.50 8.11
N TYR A 72 -3.03 -23.59 7.13
CA TYR A 72 -2.96 -22.69 5.97
C TYR A 72 -3.06 -23.55 4.74
N MET A 73 -4.16 -23.44 4.02
CA MET A 73 -4.40 -24.24 2.82
C MET A 73 -5.05 -23.40 1.73
N PHE A 74 -4.71 -23.69 0.48
CA PHE A 74 -5.26 -23.02 -0.67
C PHE A 74 -5.85 -24.07 -1.59
N ARG A 75 -7.15 -23.92 -1.85
CA ARG A 75 -7.95 -24.82 -2.67
C ARG A 75 -7.56 -24.66 -4.16
N ILE A 76 -6.97 -25.72 -4.77
CA ILE A 76 -6.62 -25.77 -6.21
C ILE A 76 -7.94 -26.02 -6.93
N ASP A 77 -8.52 -27.22 -6.75
CA ASP A 77 -9.78 -27.70 -7.31
C ASP A 77 -10.43 -28.66 -6.31
N ASP A 78 -11.53 -29.34 -6.70
CA ASP A 78 -12.23 -30.26 -5.81
C ASP A 78 -11.41 -31.51 -5.48
N SER A 79 -10.27 -31.72 -6.18
CA SER A 79 -9.40 -32.89 -6.01
C SER A 79 -8.07 -32.61 -5.32
N GLU A 80 -7.56 -31.37 -5.43
CA GLU A 80 -6.27 -30.94 -4.85
C GLU A 80 -6.32 -29.64 -4.05
N VAL A 81 -5.41 -29.56 -3.09
CA VAL A 81 -5.25 -28.39 -2.21
C VAL A 81 -3.74 -28.25 -1.97
N VAL A 82 -3.25 -27.01 -1.78
CA VAL A 82 -1.88 -26.75 -1.41
C VAL A 82 -1.88 -26.54 0.09
N ASP A 83 -1.13 -27.38 0.80
CA ASP A 83 -1.01 -27.26 2.23
C ASP A 83 0.28 -26.48 2.52
N ALA A 84 0.11 -25.23 2.98
CA ALA A 84 1.21 -24.33 3.28
C ALA A 84 1.52 -24.27 4.80
N THR A 85 0.89 -25.14 5.59
CA THR A 85 1.06 -25.16 7.04
C THR A 85 2.53 -25.36 7.50
N MET A 86 3.19 -26.36 6.92
CA MET A 86 4.56 -26.73 7.32
C MET A 86 5.62 -26.28 6.35
N HIS A 87 5.31 -26.33 5.06
CA HIS A 87 6.26 -25.99 4.00
C HIS A 87 5.79 -24.79 3.17
N GLY A 88 5.21 -23.81 3.83
CA GLY A 88 4.71 -22.60 3.19
C GLY A 88 5.68 -21.44 3.20
N ASN A 89 5.22 -20.25 2.75
CA ASN A 89 6.05 -19.06 2.72
C ASN A 89 5.16 -17.86 3.10
N ALA A 90 5.58 -16.61 2.86
CA ALA A 90 4.75 -15.44 3.22
C ALA A 90 3.36 -15.34 2.53
N ALA A 91 3.23 -15.95 1.33
CA ALA A 91 1.96 -15.95 0.58
C ALA A 91 0.82 -16.56 1.36
N ARG A 92 1.11 -17.38 2.37
CA ARG A 92 0.01 -17.99 3.12
C ARG A 92 -0.78 -16.97 3.95
N PHE A 93 -0.21 -15.77 4.17
CA PHE A 93 -0.90 -14.73 4.97
C PHE A 93 -1.76 -13.80 4.10
N ILE A 94 -1.83 -14.02 2.77
CA ILE A 94 -2.60 -13.16 1.88
C ILE A 94 -4.08 -13.28 2.24
N ASN A 95 -4.72 -12.15 2.60
CA ASN A 95 -6.14 -12.05 2.96
C ASN A 95 -7.04 -11.88 1.75
N HIS A 96 -8.34 -12.17 1.91
CA HIS A 96 -9.36 -11.99 0.86
C HIS A 96 -9.77 -10.50 0.76
N SER A 97 -10.19 -10.06 -0.46
CA SER A 97 -10.79 -8.75 -0.72
C SER A 97 -11.67 -8.84 -1.92
N CYS A 98 -12.80 -8.10 -1.88
CA CYS A 98 -13.83 -8.04 -2.91
C CYS A 98 -13.44 -7.05 -4.01
N GLU A 99 -12.39 -6.25 -3.76
CA GLU A 99 -11.80 -5.35 -4.73
C GLU A 99 -10.30 -5.67 -4.61
N PRO A 100 -9.88 -6.89 -5.03
CA PRO A 100 -8.48 -7.29 -4.87
C PRO A 100 -7.52 -6.60 -5.81
N ASN A 101 -6.24 -6.72 -5.53
CA ASN A 101 -5.26 -6.12 -6.40
C ASN A 101 -4.43 -7.22 -6.94
N CYS A 102 -4.75 -8.47 -6.52
CA CYS A 102 -4.07 -9.68 -6.94
C CYS A 102 -5.10 -10.74 -7.32
N TYR A 103 -4.65 -11.72 -8.03
CA TYR A 103 -5.48 -12.90 -8.37
C TYR A 103 -4.59 -14.11 -8.35
N SER A 104 -5.19 -15.28 -8.07
CA SER A 104 -4.48 -16.55 -7.95
C SER A 104 -4.68 -17.36 -9.21
N ARG A 105 -3.62 -18.06 -9.64
CA ARG A 105 -3.67 -18.93 -10.82
C ARG A 105 -2.83 -20.18 -10.55
N VAL A 106 -3.26 -21.31 -11.12
CA VAL A 106 -2.50 -22.56 -11.03
C VAL A 106 -1.69 -22.64 -12.33
N ILE A 107 -0.37 -22.46 -12.22
CA ILE A 107 0.53 -22.57 -13.37
C ILE A 107 1.19 -23.98 -13.34
N ASN A 108 1.71 -24.41 -14.49
CA ASN A 108 2.36 -25.71 -14.59
C ASN A 108 3.75 -25.48 -15.22
N ILE A 109 4.83 -25.71 -14.46
CA ILE A 109 6.19 -25.50 -14.96
C ILE A 109 6.99 -26.78 -14.81
N ASP A 110 7.37 -27.38 -15.96
CA ASP A 110 8.10 -28.64 -16.10
C ASP A 110 7.33 -29.78 -15.46
N GLY A 111 6.03 -29.83 -15.71
CA GLY A 111 5.12 -30.86 -15.18
C GLY A 111 4.68 -30.68 -13.75
N GLN A 112 5.24 -29.67 -13.06
CA GLN A 112 4.95 -29.37 -11.66
C GLN A 112 3.99 -28.19 -11.53
N LYS A 113 2.90 -28.40 -10.77
CA LYS A 113 1.87 -27.42 -10.47
C LYS A 113 2.36 -26.44 -9.40
N HIS A 114 2.14 -25.13 -9.64
CA HIS A 114 2.45 -24.07 -8.65
C HIS A 114 1.33 -23.03 -8.67
N ILE A 115 0.93 -22.57 -7.48
CA ILE A 115 -0.08 -21.52 -7.31
C ILE A 115 0.74 -20.24 -7.24
N VAL A 116 0.52 -19.34 -8.19
CA VAL A 116 1.27 -18.10 -8.22
C VAL A 116 0.30 -16.93 -8.09
N ILE A 117 0.74 -15.87 -7.43
CA ILE A 117 -0.06 -14.67 -7.21
C ILE A 117 0.40 -13.58 -8.19
N PHE A 118 -0.55 -13.02 -8.92
CA PHE A 118 -0.24 -11.93 -9.87
C PHE A 118 -0.92 -10.67 -9.45
N ALA A 119 -0.26 -9.56 -9.74
CA ALA A 119 -0.80 -8.22 -9.52
C ALA A 119 -1.79 -7.90 -10.67
N MET A 120 -3.04 -7.54 -10.33
CA MET A 120 -4.11 -7.17 -11.26
C MET A 120 -3.94 -5.70 -11.73
N ARG A 121 -3.24 -4.91 -10.93
CA ARG A 121 -3.02 -3.48 -11.21
C ARG A 121 -1.68 -3.08 -10.62
N LYS A 122 -1.25 -1.82 -10.83
CA LYS A 122 -0.02 -1.42 -10.16
C LYS A 122 -0.33 -1.39 -8.64
N ILE A 123 0.54 -1.97 -7.84
CA ILE A 123 0.32 -1.99 -6.37
C ILE A 123 1.37 -1.11 -5.78
N TYR A 124 0.95 -0.18 -4.94
CA TYR A 124 1.87 0.80 -4.38
C TYR A 124 2.36 0.46 -3.00
N ARG A 125 3.61 0.85 -2.72
CA ARG A 125 4.31 0.66 -1.45
C ARG A 125 3.37 0.89 -0.26
N GLY A 126 3.35 -0.08 0.64
CA GLY A 126 2.54 -0.04 1.86
C GLY A 126 1.21 -0.73 1.75
N GLU A 127 0.73 -0.97 0.52
CA GLU A 127 -0.57 -1.59 0.32
C GLU A 127 -0.58 -3.03 0.73
N GLU A 128 -1.70 -3.46 1.29
CA GLU A 128 -1.88 -4.88 1.55
C GLU A 128 -2.22 -5.59 0.23
N LEU A 129 -1.65 -6.78 -0.01
CA LEU A 129 -1.91 -7.60 -1.19
C LEU A 129 -3.10 -8.49 -0.85
N THR A 130 -4.09 -8.56 -1.75
CA THR A 130 -5.30 -9.34 -1.51
C THR A 130 -5.78 -10.07 -2.77
N TYR A 131 -6.52 -11.16 -2.60
CA TYR A 131 -7.12 -11.82 -3.79
C TYR A 131 -8.52 -12.29 -3.45
N ASP A 132 -9.38 -12.49 -4.47
CA ASP A 132 -10.73 -13.00 -4.24
C ASP A 132 -10.60 -14.50 -3.94
N TYR A 133 -10.96 -14.90 -2.70
CA TYR A 133 -10.92 -16.32 -2.29
C TYR A 133 -11.98 -17.08 -3.10
N LYS A 134 -11.65 -18.33 -3.51
CA LYS A 134 -12.55 -19.17 -4.31
C LYS A 134 -13.57 -19.91 -3.45
N LYS A 143 -21.05 -17.62 4.67
CA LYS A 143 -20.82 -18.14 6.02
C LYS A 143 -19.89 -17.25 6.85
N LEU A 144 -18.80 -16.76 6.23
CA LEU A 144 -17.80 -15.93 6.92
C LEU A 144 -17.90 -14.44 6.54
N PRO A 145 -18.13 -13.52 7.52
CA PRO A 145 -18.21 -12.09 7.16
C PRO A 145 -16.90 -11.53 6.62
N CYS A 146 -16.98 -10.65 5.61
CA CYS A 146 -15.79 -10.07 4.97
C CYS A 146 -15.44 -8.69 5.52
N ASN A 147 -14.13 -8.45 5.74
CA ASN A 147 -13.58 -7.21 6.29
C ASN A 147 -12.67 -6.45 5.33
N CYS A 148 -12.77 -6.70 4.01
CA CYS A 148 -11.91 -5.95 3.09
C CYS A 148 -12.16 -4.44 3.13
N GLY A 149 -13.41 -4.06 3.42
CA GLY A 149 -13.86 -2.67 3.56
C GLY A 149 -14.10 -1.95 2.26
N ALA A 150 -14.10 -2.68 1.11
CA ALA A 150 -14.30 -2.09 -0.22
C ALA A 150 -15.71 -1.52 -0.39
N LYS A 151 -15.88 -0.57 -1.31
CA LYS A 151 -17.21 0.02 -1.56
C LYS A 151 -18.17 -1.07 -2.06
N LYS A 152 -17.68 -1.89 -3.01
CA LYS A 152 -18.42 -2.98 -3.65
C LYS A 152 -18.19 -4.34 -2.96
N CYS A 153 -18.17 -4.33 -1.61
CA CYS A 153 -17.96 -5.53 -0.79
C CYS A 153 -19.13 -6.50 -0.91
N ARG A 154 -18.83 -7.81 -1.05
CA ARG A 154 -19.82 -8.90 -1.14
C ARG A 154 -20.29 -9.26 0.29
N LYS A 155 -19.63 -8.68 1.32
CA LYS A 155 -19.87 -8.80 2.75
C LYS A 155 -19.64 -10.21 3.32
N PHE A 156 -19.35 -11.22 2.45
CA PHE A 156 -19.04 -12.61 2.84
C PHE A 156 -17.94 -13.22 1.97
N LEU A 157 -17.06 -14.04 2.58
CA LEU A 157 -15.98 -14.72 1.89
C LEU A 157 -16.41 -16.12 1.46
N LEU B 3 -8.69 -0.16 11.37
CA LEU B 3 -9.72 -0.04 10.34
C LEU B 3 -9.14 -0.27 8.96
N PRO B 4 -9.85 -0.99 8.04
CA PRO B 4 -9.29 -1.20 6.69
C PRO B 4 -9.08 0.14 5.97
N MET B 5 -8.04 0.20 5.13
CA MET B 5 -7.63 1.36 4.34
C MET B 5 -8.82 2.11 3.63
N PRO B 6 -9.75 1.46 2.85
CA PRO B 6 -10.85 2.24 2.23
C PRO B 6 -11.79 2.85 3.26
N MET B 7 -12.02 2.12 4.38
CA MET B 7 -12.84 2.58 5.51
C MET B 7 -12.17 3.75 6.25
N ARG B 8 -10.82 3.85 6.22
CA ARG B 8 -10.04 4.94 6.84
C ARG B 8 -10.18 6.25 6.04
N PHE B 9 -10.36 6.16 4.68
CA PHE B 9 -10.51 7.33 3.79
C PHE B 9 -11.79 8.16 4.08
N ARG B 10 -12.49 7.81 5.18
CA ARG B 10 -13.73 8.40 5.70
C ARG B 10 -13.63 9.88 5.99
N HIS B 11 -14.50 10.68 5.28
CA HIS B 11 -14.74 12.12 5.37
C HIS B 11 -13.51 12.95 5.80
N LEU B 12 -12.39 12.80 5.05
CA LEU B 12 -11.15 13.52 5.33
C LEU B 12 -11.31 15.04 5.21
N LYS B 13 -12.11 15.52 4.23
CA LYS B 13 -12.34 16.95 3.98
C LYS B 13 -12.83 17.70 5.23
N LYS B 14 -13.85 17.14 5.90
CA LYS B 14 -14.46 17.69 7.11
C LYS B 14 -13.51 17.62 8.33
N THR B 15 -12.84 16.47 8.53
CA THR B 15 -11.95 16.23 9.69
C THR B 15 -10.59 16.93 9.58
N SER B 16 -9.96 16.98 8.38
CA SER B 16 -8.64 17.64 8.22
C SER B 16 -8.75 19.16 8.44
N LYS B 17 -9.94 19.75 8.17
CA LYS B 17 -10.23 21.17 8.35
C LYS B 17 -10.08 21.55 9.83
N GLU B 18 -10.38 20.61 10.73
CA GLU B 18 -10.28 20.77 12.18
C GLU B 18 -8.91 20.34 12.74
N ALA B 19 -8.18 19.44 12.04
CA ALA B 19 -6.90 18.88 12.51
C ALA B 19 -5.64 19.64 12.11
N VAL B 20 -5.64 20.33 10.97
CA VAL B 20 -4.42 20.98 10.46
C VAL B 20 -4.67 22.39 9.96
N GLY B 21 -3.63 23.19 9.95
CA GLY B 21 -3.67 24.55 9.43
C GLY B 21 -2.37 24.94 8.76
N VAL B 22 -2.45 25.93 7.87
CA VAL B 22 -1.27 26.42 7.15
C VAL B 22 -0.78 27.71 7.79
N TYR B 23 0.52 27.76 8.16
CA TYR B 23 1.14 28.94 8.76
C TYR B 23 2.57 29.08 8.24
N ARG B 24 3.27 30.15 8.60
CA ARG B 24 4.67 30.37 8.28
C ARG B 24 5.49 29.25 8.93
N SER B 25 6.45 28.70 8.19
CA SER B 25 7.32 27.62 8.67
C SER B 25 8.77 28.09 8.81
N PRO B 26 9.47 27.69 9.91
CA PRO B 26 10.89 28.02 10.03
C PRO B 26 11.74 27.13 9.11
N ILE B 27 11.14 26.03 8.58
CA ILE B 27 11.83 25.15 7.63
C ILE B 27 11.90 25.90 6.30
N HIS B 28 10.73 26.19 5.69
CA HIS B 28 10.61 26.94 4.43
C HIS B 28 9.21 27.51 4.25
N GLY B 29 9.14 28.76 3.78
CA GLY B 29 7.90 29.45 3.42
C GLY B 29 6.74 29.22 4.35
N ARG B 30 5.69 28.51 3.87
CA ARG B 30 4.54 28.11 4.68
C ARG B 30 4.60 26.60 4.83
N GLY B 31 4.10 26.11 5.94
CA GLY B 31 4.05 24.67 6.20
C GLY B 31 2.70 24.30 6.73
N LEU B 32 2.47 22.99 6.93
CA LEU B 32 1.23 22.47 7.50
C LEU B 32 1.54 22.15 8.96
N PHE B 33 0.64 22.52 9.88
CA PHE B 33 0.85 22.35 11.32
C PHE B 33 -0.37 21.73 11.97
N CYS B 34 -0.25 20.98 13.07
CA CYS B 34 -1.51 20.47 13.59
C CYS B 34 -2.12 21.36 14.66
N LYS B 35 -3.46 21.41 14.61
CA LYS B 35 -4.32 22.23 15.48
C LYS B 35 -4.69 21.47 16.76
N ARG B 36 -4.63 20.13 16.72
CA ARG B 36 -4.93 19.26 17.87
C ARG B 36 -4.05 18.02 17.73
N ASN B 37 -3.92 17.22 18.80
CA ASN B 37 -3.09 16.04 18.77
C ASN B 37 -3.63 15.05 17.77
N ILE B 38 -2.72 14.45 16.99
CA ILE B 38 -3.01 13.44 15.97
C ILE B 38 -2.42 12.10 16.47
N ASP B 39 -3.24 11.05 16.55
CA ASP B 39 -2.73 9.75 17.03
C ASP B 39 -1.77 9.09 16.04
N ALA B 40 -0.88 8.20 16.54
CA ALA B 40 0.05 7.48 15.67
C ALA B 40 -0.81 6.63 14.74
N GLY B 41 -0.43 6.57 13.46
CA GLY B 41 -1.15 5.79 12.46
C GLY B 41 -2.34 6.46 11.81
N GLU B 42 -2.81 7.61 12.37
CA GLU B 42 -3.97 8.37 11.90
C GLU B 42 -3.76 8.92 10.48
N MET B 43 -4.81 8.81 9.64
CA MET B 43 -4.86 9.35 8.27
C MET B 43 -5.20 10.82 8.47
N VAL B 44 -4.22 11.70 8.17
CA VAL B 44 -4.29 13.13 8.40
C VAL B 44 -5.05 13.92 7.31
N ILE B 45 -4.64 13.73 6.03
CA ILE B 45 -5.11 14.56 4.91
C ILE B 45 -4.67 13.93 3.61
N GLU B 46 -5.46 14.16 2.55
CA GLU B 46 -5.12 13.73 1.24
C GLU B 46 -4.27 14.81 0.59
N TYR B 47 -3.24 14.40 -0.20
CA TYR B 47 -2.47 15.36 -0.98
C TYR B 47 -3.36 15.53 -2.23
N ALA B 48 -4.34 16.43 -2.15
CA ALA B 48 -5.32 16.58 -3.22
C ALA B 48 -4.75 17.18 -4.50
N GLY B 49 -5.24 16.69 -5.65
CA GLY B 49 -4.80 17.21 -6.93
C GLY B 49 -5.17 16.32 -8.10
N ILE B 50 -4.56 16.54 -9.26
CA ILE B 50 -4.85 15.80 -10.49
C ILE B 50 -3.71 14.86 -10.80
N VAL B 51 -4.01 13.59 -10.99
CA VAL B 51 -2.98 12.61 -11.39
C VAL B 51 -2.70 12.86 -12.87
N ILE B 52 -1.49 13.28 -13.19
CA ILE B 52 -1.09 13.57 -14.57
C ILE B 52 0.11 12.73 -14.96
N ARG B 53 0.36 12.60 -16.29
CA ARG B 53 1.50 11.85 -16.83
C ARG B 53 2.79 12.58 -16.47
N SER B 54 3.78 11.85 -15.94
CA SER B 54 5.07 12.42 -15.49
C SER B 54 5.81 13.16 -16.60
N ILE B 55 5.68 12.68 -17.84
CA ILE B 55 6.28 13.27 -19.04
C ILE B 55 5.72 14.69 -19.31
N LEU B 56 4.52 15.00 -18.76
CA LEU B 56 3.85 16.29 -18.91
C LEU B 56 4.26 17.34 -17.88
N THR B 57 4.97 16.94 -16.79
CA THR B 57 5.29 17.87 -15.68
C THR B 57 6.22 19.00 -16.09
N ASP B 58 7.23 18.71 -16.90
CA ASP B 58 8.20 19.74 -17.37
C ASP B 58 7.45 20.94 -17.98
N LYS B 59 6.54 20.67 -18.94
CA LYS B 59 5.73 21.70 -19.59
C LYS B 59 4.74 22.38 -18.69
N ARG B 60 4.14 21.64 -17.72
CA ARG B 60 3.19 22.22 -16.78
C ARG B 60 3.91 23.19 -15.84
N GLU B 61 5.07 22.78 -15.27
CA GLU B 61 5.88 23.63 -14.38
C GLU B 61 6.38 24.85 -15.15
N LYS B 62 6.79 24.66 -16.43
CA LYS B 62 7.23 25.76 -17.29
C LYS B 62 6.07 26.78 -17.45
N TYR B 63 4.83 26.27 -17.65
CA TYR B 63 3.65 27.13 -17.80
C TYR B 63 3.38 27.92 -16.52
N TYR B 64 3.30 27.24 -15.35
CA TYR B 64 3.04 27.87 -14.04
C TYR B 64 4.08 28.94 -13.75
N ASP B 65 5.38 28.62 -13.88
CA ASP B 65 6.49 29.56 -13.68
C ASP B 65 6.35 30.80 -14.56
N SER B 66 5.91 30.60 -15.83
CA SER B 66 5.76 31.71 -16.79
C SER B 66 4.58 32.64 -16.41
N LYS B 67 3.70 32.19 -15.47
CA LYS B 67 2.55 32.99 -15.00
C LYS B 67 2.71 33.47 -13.53
N GLY B 68 3.85 33.14 -12.90
CA GLY B 68 4.12 33.52 -11.52
C GLY B 68 3.19 32.86 -10.52
N ILE B 69 2.76 31.63 -10.84
CA ILE B 69 1.90 30.78 -10.03
C ILE B 69 2.84 29.71 -9.47
N GLY B 70 2.93 29.61 -8.14
CA GLY B 70 3.72 28.59 -7.47
C GLY B 70 3.27 27.22 -7.94
N CYS B 71 4.20 26.36 -8.36
CA CYS B 71 3.94 25.00 -8.87
C CYS B 71 4.01 24.01 -7.71
N TYR B 72 2.93 23.24 -7.45
CA TYR B 72 2.85 22.28 -6.33
C TYR B 72 2.61 20.91 -6.93
N MET B 73 3.60 20.03 -6.88
CA MET B 73 3.46 18.69 -7.44
C MET B 73 4.05 17.65 -6.51
N PHE B 74 3.44 16.45 -6.52
CA PHE B 74 3.86 15.31 -5.71
C PHE B 74 4.08 14.16 -6.66
N ARG B 75 5.32 13.67 -6.67
CA ARG B 75 5.80 12.57 -7.48
C ARG B 75 5.23 11.24 -6.98
N ILE B 76 4.36 10.58 -7.77
CA ILE B 76 3.82 9.24 -7.42
C ILE B 76 4.91 8.24 -7.78
N ASP B 77 5.24 8.16 -9.09
CA ASP B 77 6.26 7.27 -9.67
C ASP B 77 6.87 7.93 -10.91
N ASP B 78 7.64 7.18 -11.72
CA ASP B 78 8.28 7.73 -12.91
C ASP B 78 7.30 8.05 -14.04
N SER B 79 6.05 7.58 -13.91
CA SER B 79 4.99 7.75 -14.92
C SER B 79 3.87 8.70 -14.51
N GLU B 80 3.66 8.90 -13.19
CA GLU B 80 2.58 9.74 -12.64
C GLU B 80 3.03 10.69 -11.53
N VAL B 81 2.36 11.84 -11.48
CA VAL B 81 2.56 12.94 -10.53
C VAL B 81 1.18 13.51 -10.20
N VAL B 82 0.99 14.02 -8.97
CA VAL B 82 -0.24 14.69 -8.56
C VAL B 82 0.03 16.19 -8.67
N ASP B 83 -0.73 16.85 -9.49
CA ASP B 83 -0.58 18.29 -9.65
C ASP B 83 -1.59 18.96 -8.73
N ALA B 84 -1.09 19.56 -7.64
CA ALA B 84 -1.91 20.23 -6.65
C ALA B 84 -1.96 21.76 -6.88
N THR B 85 -1.38 22.23 -7.99
CA THR B 85 -1.30 23.69 -8.25
C THR B 85 -2.67 24.38 -8.28
N MET B 86 -3.60 23.82 -9.05
CA MET B 86 -4.91 24.45 -9.23
C MET B 86 -6.01 23.80 -8.44
N HIS B 87 -5.92 22.49 -8.26
CA HIS B 87 -6.96 21.71 -7.57
C HIS B 87 -6.44 21.00 -6.31
N GLY B 88 -5.58 21.67 -5.57
CA GLY B 88 -4.98 21.13 -4.37
C GLY B 88 -5.68 21.56 -3.08
N ASN B 89 -5.07 21.22 -1.94
CA ASN B 89 -5.63 21.60 -0.64
C ASN B 89 -4.43 21.97 0.26
N ALA B 90 -4.62 22.04 1.57
CA ALA B 90 -3.55 22.37 2.54
C ALA B 90 -2.30 21.46 2.52
N ALA B 91 -2.49 20.16 2.15
CA ALA B 91 -1.39 19.18 2.12
C ALA B 91 -0.28 19.60 1.19
N ARG B 92 -0.56 20.48 0.21
CA ARG B 92 0.48 20.89 -0.72
C ARG B 92 1.59 21.71 -0.04
N PHE B 93 1.35 22.20 1.20
CA PHE B 93 2.38 22.99 1.92
C PHE B 93 3.23 22.14 2.85
N ILE B 94 3.05 20.80 2.85
CA ILE B 94 3.82 19.92 3.74
C ILE B 94 5.28 19.96 3.31
N ASN B 95 6.15 20.37 4.25
CA ASN B 95 7.60 20.45 4.03
C ASN B 95 8.28 19.12 4.27
N HIS B 96 9.51 18.97 3.76
CA HIS B 96 10.38 17.80 3.96
C HIS B 96 11.08 17.86 5.33
N SER B 97 11.38 16.67 5.92
CA SER B 97 12.19 16.49 7.14
C SER B 97 12.87 15.15 7.12
N CYS B 98 14.08 15.08 7.69
CA CYS B 98 14.93 13.88 7.78
C CYS B 98 14.59 13.02 8.98
N GLU B 99 13.75 13.58 9.87
CA GLU B 99 13.18 12.90 11.02
C GLU B 99 11.69 13.29 10.93
N PRO B 100 11.00 12.82 9.85
CA PRO B 100 9.61 13.22 9.66
C PRO B 100 8.66 12.65 10.69
N ASN B 101 7.47 13.22 10.79
CA ASN B 101 6.51 12.67 11.72
C ASN B 101 5.38 12.10 10.93
N CYS B 102 5.46 12.24 9.58
CA CYS B 102 4.48 11.74 8.64
C CYS B 102 5.19 10.97 7.52
N TYR B 103 4.41 10.28 6.75
CA TYR B 103 4.88 9.61 5.53
C TYR B 103 3.76 9.56 4.56
N SER B 104 4.11 9.49 3.27
CA SER B 104 3.15 9.51 2.17
C SER B 104 2.95 8.10 1.63
N ARG B 105 1.73 7.81 1.15
CA ARG B 105 1.40 6.51 0.56
C ARG B 105 0.39 6.70 -0.56
N VAL B 106 0.48 5.87 -1.58
CA VAL B 106 -0.47 5.90 -2.68
C VAL B 106 -1.48 4.77 -2.41
N ILE B 107 -2.70 5.14 -2.04
CA ILE B 107 -3.76 4.17 -1.80
C ILE B 107 -4.69 4.15 -3.04
N ASN B 108 -5.49 3.10 -3.16
CA ASN B 108 -6.45 2.95 -4.25
C ASN B 108 -7.83 2.78 -3.64
N ILE B 109 -8.69 3.80 -3.77
CA ILE B 109 -10.05 3.82 -3.23
C ILE B 109 -11.04 3.72 -4.37
N ASP B 110 -11.59 2.50 -4.56
CA ASP B 110 -12.58 2.11 -5.58
C ASP B 110 -12.08 2.42 -7.00
N GLY B 111 -10.89 1.93 -7.33
CA GLY B 111 -10.23 2.12 -8.62
C GLY B 111 -9.45 3.43 -8.75
N GLN B 112 -9.69 4.38 -7.84
CA GLN B 112 -9.07 5.71 -7.86
C GLN B 112 -7.86 5.84 -6.95
N LYS B 113 -6.75 6.35 -7.50
CA LYS B 113 -5.51 6.59 -6.77
C LYS B 113 -5.59 7.89 -5.98
N HIS B 114 -5.24 7.81 -4.69
CA HIS B 114 -5.18 8.98 -3.79
C HIS B 114 -3.90 8.91 -2.99
N ILE B 115 -3.22 10.06 -2.84
CA ILE B 115 -2.02 10.15 -2.01
C ILE B 115 -2.53 10.63 -0.65
N VAL B 116 -2.30 9.83 0.37
CA VAL B 116 -2.73 10.15 1.72
C VAL B 116 -1.51 10.25 2.61
N ILE B 117 -1.58 11.14 3.60
CA ILE B 117 -0.51 11.41 4.54
C ILE B 117 -0.87 10.75 5.89
N PHE B 118 0.03 9.95 6.42
CA PHE B 118 -0.23 9.32 7.72
C PHE B 118 0.75 9.79 8.75
N ALA B 119 0.29 9.83 10.00
CA ALA B 119 1.13 10.14 11.15
C ALA B 119 1.95 8.88 11.52
N MET B 120 3.27 9.02 11.58
CA MET B 120 4.22 7.95 11.91
C MET B 120 4.30 7.76 13.44
N ARG B 121 3.97 8.82 14.19
CA ARG B 121 4.01 8.82 15.66
C ARG B 121 2.89 9.75 16.14
N LYS B 122 2.64 9.84 17.46
CA LYS B 122 1.64 10.81 17.91
C LYS B 122 2.25 12.21 17.60
N ILE B 123 1.46 13.11 17.02
CA ILE B 123 1.93 14.47 16.69
C ILE B 123 1.20 15.39 17.59
N TYR B 124 1.91 16.29 18.25
CA TYR B 124 1.29 17.16 19.24
C TYR B 124 0.95 18.53 18.70
N ARG B 125 -0.12 19.11 19.27
CA ARG B 125 -0.66 20.42 18.93
C ARG B 125 0.48 21.45 18.76
N GLY B 126 0.51 22.10 17.59
CA GLY B 126 1.50 23.12 17.30
C GLY B 126 2.64 22.66 16.40
N GLU B 127 2.87 21.34 16.37
CA GLU B 127 3.96 20.76 15.60
C GLU B 127 3.76 20.91 14.11
N GLU B 128 4.85 21.12 13.39
CA GLU B 128 4.81 21.14 11.93
C GLU B 128 4.78 19.71 11.43
N LEU B 129 3.92 19.43 10.44
CA LEU B 129 3.78 18.13 9.80
C LEU B 129 4.80 18.04 8.67
N THR B 130 5.58 16.94 8.64
CA THR B 130 6.65 16.75 7.65
C THR B 130 6.74 15.31 7.15
N TYR B 131 7.21 15.12 5.91
CA TYR B 131 7.48 13.75 5.44
C TYR B 131 8.79 13.74 4.72
N ASP B 132 9.39 12.54 4.53
CA ASP B 132 10.62 12.44 3.78
C ASP B 132 10.28 12.47 2.29
N TYR B 133 10.66 13.56 1.59
CA TYR B 133 10.50 13.69 0.14
C TYR B 133 11.45 12.65 -0.48
N LYS B 134 11.01 11.95 -1.54
CA LYS B 134 11.86 10.94 -2.18
C LYS B 134 12.47 11.44 -3.51
N PHE B 135 13.19 12.57 -3.46
CA PHE B 135 13.84 13.20 -4.61
C PHE B 135 15.02 12.38 -5.13
N LYS B 143 21.20 17.96 -4.14
CA LYS B 143 21.06 19.18 -4.94
C LYS B 143 20.52 20.36 -4.12
N LEU B 144 19.41 20.15 -3.38
CA LEU B 144 18.77 21.19 -2.57
C LEU B 144 19.07 21.03 -1.08
N PRO B 145 19.61 22.08 -0.40
CA PRO B 145 19.91 21.95 1.05
C PRO B 145 18.65 21.79 1.92
N CYS B 146 18.74 20.98 2.99
CA CYS B 146 17.60 20.73 3.88
C CYS B 146 17.70 21.53 5.17
N ASN B 147 16.56 22.07 5.60
CA ASN B 147 16.43 22.90 6.79
C ASN B 147 15.50 22.32 7.86
N CYS B 148 15.26 20.98 7.82
CA CYS B 148 14.39 20.37 8.84
C CYS B 148 14.93 20.59 10.24
N GLY B 149 16.27 20.65 10.35
CA GLY B 149 17.02 20.91 11.57
C GLY B 149 17.19 19.73 12.50
N ALA B 150 16.87 18.50 12.03
CA ALA B 150 16.98 17.30 12.87
C ALA B 150 18.46 17.01 13.18
N LYS B 151 18.74 16.37 14.34
CA LYS B 151 20.13 16.04 14.67
C LYS B 151 20.73 15.11 13.59
N LYS B 152 19.91 14.18 13.09
CA LYS B 152 20.27 13.19 12.08
C LYS B 152 19.89 13.63 10.67
N CYS B 153 20.05 14.94 10.37
CA CYS B 153 19.73 15.52 9.07
C CYS B 153 20.65 15.01 7.97
N ARG B 154 20.09 14.62 6.81
CA ARG B 154 20.86 14.15 5.64
C ARG B 154 21.40 15.37 4.86
N LYS B 155 21.05 16.59 5.34
CA LYS B 155 21.47 17.90 4.88
C LYS B 155 21.05 18.25 3.43
N PHE B 156 20.42 17.30 2.70
CA PHE B 156 19.91 17.52 1.33
C PHE B 156 18.57 16.81 1.07
O3 Q34 C . -3.19 -16.22 9.58
C24 Q34 C . -3.61 -15.11 9.31
O2 Q34 C . -3.20 -14.04 10.01
C23 Q34 C . -4.60 -14.73 8.21
N7 Q34 C . -4.95 -13.30 8.18
C22 Q34 C . -3.98 -15.14 6.87
C21 Q34 C . -5.07 -15.73 5.94
N5 Q34 C . -5.86 -16.88 6.50
C9 Q34 C . -7.19 -17.15 5.83
C8 Q34 C . -8.26 -16.72 6.83
C7 Q34 C . -9.68 -16.94 6.26
O1 Q34 C . -10.14 -18.25 6.45
C6 Q34 C . -10.47 -15.99 7.17
O Q34 C . -10.65 -16.52 8.42
O4 Q34 C . -8.16 -15.33 7.12
C5 Q34 C . -9.42 -14.80 7.36
N4 Q34 C . -9.68 -13.70 6.41
C2 Q34 C . -10.67 -12.73 6.47
N2 Q34 C . -11.61 -12.47 7.44
C1 Q34 C . -12.43 -11.47 7.10
N1 Q34 C . -12.44 -10.71 5.95
C4 Q34 C . -8.98 -13.48 5.20
N3 Q34 C . -9.48 -12.48 4.48
C3 Q34 C . -10.55 -12.01 5.25
C Q34 C . -11.50 -10.99 5.01
N Q34 C . -11.49 -10.26 3.86
C10 Q34 C . -5.11 -18.09 6.95
C11 Q34 C . -5.90 -18.88 8.02
C20 Q34 C . -5.08 -19.84 8.93
N6 Q34 C . -4.93 -18.72 9.94
C12 Q34 C . -6.19 -18.14 9.37
C13 Q34 C . -4.98 -19.16 11.38
C14 Q34 C . -5.37 -17.99 12.25
C19 Q34 C . -4.48 -16.93 12.44
C18 Q34 C . -4.86 -15.79 13.19
C17 Q34 C . -6.15 -15.76 13.75
CL Q34 C . -6.64 -14.31 14.62
C16 Q34 C . -7.06 -16.81 13.60
C15 Q34 C . -6.66 -17.94 12.84
H30 Q34 C . -2.56 -14.29 10.73
H4 Q34 C . -5.52 -15.27 8.41
H33 Q34 C . -5.07 -12.89 9.10
H32 Q34 C . -5.76 -13.10 7.60
H28 Q34 C . -3.55 -14.25 6.41
H29 Q34 C . -3.14 -15.83 6.98
H27 Q34 C . -4.63 -16.06 5.00
H26 Q34 C . -5.79 -14.96 5.67
H11 Q34 C . -7.32 -16.61 4.89
H12 Q34 C . -7.34 -18.19 5.55
H3 Q34 C . -8.15 -17.23 7.79
H2 Q34 C . -9.77 -16.64 5.22
H10 Q34 C . -9.63 -18.84 5.84
H1 Q34 C . -11.42 -15.67 6.73
H9 Q34 C . -11.21 -17.33 8.36
H Q34 C . -9.43 -14.39 8.36
H7 Q34 C . -13.19 -11.19 7.83
H8 Q34 C . -8.14 -14.09 4.90
H5 Q34 C . -12.18 -9.54 3.70
H6 Q34 C . -10.77 -10.41 3.16
H13 Q34 C . -4.14 -17.85 7.37
H14 Q34 C . -4.90 -18.72 6.08
H15 Q34 C . -6.79 -19.35 7.60
H25 Q34 C . -4.18 -20.25 8.50
H24 Q34 C . -5.64 -20.67 9.37
H16 Q34 C . -7.07 -18.46 9.93
H17 Q34 C . -6.27 -17.04 9.30
H18 Q34 C . -3.98 -19.49 11.64
H19 Q34 C . -5.63 -20.01 11.58
H23 Q34 C . -3.46 -17.00 12.04
H22 Q34 C . -4.17 -14.96 13.33
H21 Q34 C . -8.04 -16.76 14.07
H20 Q34 C . -7.37 -18.76 12.71
ZN ZN D . -15.17 -7.70 0.95
O3 Q34 E . 5.57 27.63 1.09
C24 Q34 E . 5.70 26.66 0.38
O2 Q34 E . 5.12 26.70 -0.81
C23 Q34 E . 6.49 25.39 0.72
N7 Q34 E . 7.10 25.49 2.06
C22 Q34 E . 5.57 24.14 0.66
C21 Q34 E . 6.31 22.92 0.02
N5 Q34 E . 6.97 23.15 -1.33
C9 Q34 E . 8.10 22.20 -1.67
C8 Q34 E . 9.40 23.04 -1.66
C7 Q34 E . 10.62 22.14 -1.98
O1 Q34 E . 10.84 21.97 -3.34
C6 Q34 E . 11.74 22.99 -1.36
O Q34 E . 12.06 24.07 -2.14
O4 Q34 E . 9.62 23.57 -0.37
C5 Q34 E . 10.98 23.61 -0.10
N4 Q34 E . 11.28 22.83 1.12
C2 Q34 E . 12.47 22.83 1.85
N2 Q34 E . 13.59 23.63 1.75
C1 Q34 E . 14.54 23.29 2.66
N1 Q34 E . 14.52 22.29 3.62
C4 Q34 E . 10.45 21.83 1.68
N3 Q34 E . 11.02 21.17 2.68
C3 Q34 E . 12.30 21.77 2.80
C Q34 E . 13.40 21.51 3.69
N Q34 E . 13.38 20.50 4.59
C10 Q34 E . 6.09 23.44 -2.47
C11 Q34 E . 6.85 24.27 -3.56
C20 Q34 E . 6.02 25.16 -4.54
N6 Q34 E . 6.22 26.34 -3.60
C12 Q34 E . 7.46 25.65 -3.11
C13 Q34 E . 6.42 27.67 -4.29
C14 Q34 E . 7.16 28.61 -3.37
C19 Q34 E . 8.51 28.95 -3.66
C18 Q34 E . 9.25 29.77 -2.78
C17 Q34 E . 8.63 30.24 -1.62
CL Q34 E . 9.56 31.20 -0.46
C16 Q34 E . 7.29 29.94 -1.32
C15 Q34 E . 6.55 29.13 -2.21
H30 Q34 E . 5.31 25.89 -1.35
H4 Q34 E . 7.32 25.32 0.01
H33 Q34 E . 7.44 26.41 2.29
H32 Q34 E . 7.84 24.80 2.21
H28 Q34 E . 5.26 23.90 1.67
H29 Q34 E . 4.63 24.33 0.13
H27 Q34 E . 5.63 22.07 -0.08
H26 Q34 E . 7.10 22.58 0.70
H11 Q34 E . 8.21 21.36 -0.99
H12 Q34 E . 7.99 21.72 -2.64
H3 Q34 E . 9.35 23.89 -2.34
H2 Q34 E . 10.57 21.18 -1.47
H10 Q34 E . 10.12 21.39 -3.69
H1 Q34 E . 12.62 22.41 -1.10
H9 Q34 E . 12.44 23.74 -3.00
H Q34 E . 11.26 24.65 0.09
H7 Q34 E . 15.45 23.89 2.64
H8 Q34 E . 9.44 21.64 1.32
H5 Q34 E . 14.17 20.32 5.19
H6 Q34 E . 12.55 19.92 4.69
H13 Q34 E . 5.17 23.94 -2.19
H14 Q34 E . 5.76 22.49 -2.90
H15 Q34 E . 7.58 23.65 -4.08
H25 Q34 E . 6.44 25.27 -5.53
H24 Q34 E . 4.95 24.93 -4.64
H16 Q34 E . 8.35 25.99 -3.64
H17 Q34 E . 7.71 25.73 -2.05
H18 Q34 E . 5.42 28.06 -4.50
H19 Q34 E . 6.92 27.60 -5.26
H23 Q34 E . 8.98 28.57 -4.57
H22 Q34 E . 10.29 30.04 -2.99
H21 Q34 E . 6.83 30.32 -0.41
H20 Q34 E . 5.50 28.94 -2.01
ZN ZN F . 16.86 17.43 7.08
#